data_4AE7
#
_entry.id   4AE7
#
_cell.length_a   45.389
_cell.length_b   88.634
_cell.length_c   105.323
_cell.angle_alpha   90.00
_cell.angle_beta   90.00
_cell.angle_gamma   90.00
#
_symmetry.space_group_name_H-M   'C 2 2 21'
#
loop_
_entity.id
_entity.type
_entity.pdbx_description
1 polymer 'THIOESTERASE SUPERFAMILY MEMBER 5'
2 water water
#
_entity_poly.entity_id   1
_entity_poly.type   'polypeptide(L)'
_entity_poly.pdbx_seq_one_letter_code
;GAHMSGRGSSTDSMFSRFLPEKTDLKDYALPNASWCSDMLSLYQEFLEKTKSSGWIKLPSFKSNRDHIRGLKLPSGLAVS
SDKGDCRIFTRCIQVEGQGFEYVIFFQPTQKKSVCLFQPGSYLEGPPGFAHGGSLAAMMDETFSKTAFLAGEGLFTLSLN
IRFKNLIPVDSLVVMDVEVDKIEDQKLYMSCIAHSRDQQTVYAKSSGVFLQLQLEEESPQ
;
_entity_poly.pdbx_strand_id   A
#
# COMPACT_ATOMS: atom_id res chain seq x y z
N LEU A 25 7.03 -12.87 -10.69
CA LEU A 25 7.61 -14.10 -10.14
C LEU A 25 7.31 -14.21 -8.65
N LYS A 26 8.30 -13.89 -7.82
CA LYS A 26 8.12 -13.98 -6.37
C LYS A 26 7.11 -12.94 -5.89
N ASP A 27 6.12 -13.40 -5.12
CA ASP A 27 5.16 -12.51 -4.49
C ASP A 27 5.66 -12.21 -3.09
N TYR A 28 6.11 -10.99 -2.87
CA TYR A 28 6.64 -10.61 -1.56
C TYR A 28 5.55 -10.34 -0.54
N ALA A 29 4.31 -10.24 -1.00
CA ALA A 29 3.18 -9.97 -0.12
C ALA A 29 2.58 -11.28 0.39
N LEU A 30 3.45 -12.12 0.93
CA LEU A 30 3.07 -13.40 1.54
C LEU A 30 3.83 -13.50 2.85
N PRO A 31 3.30 -14.26 3.81
CA PRO A 31 3.96 -14.32 5.11
C PRO A 31 5.39 -14.81 5.02
N ASN A 32 6.22 -14.32 5.92
CA ASN A 32 7.52 -14.91 6.17
C ASN A 32 7.78 -14.85 7.67
N ALA A 33 8.90 -15.38 8.11
CA ALA A 33 9.19 -15.51 9.53
C ALA A 33 9.24 -14.18 10.28
N SER A 34 9.38 -13.08 9.54
CA SER A 34 9.53 -11.78 10.21
C SER A 34 8.21 -11.17 10.65
N TRP A 35 7.09 -11.65 10.12
CA TRP A 35 5.81 -11.01 10.42
C TRP A 35 5.43 -11.21 11.89
N CYS A 36 5.07 -10.13 12.57
CA CYS A 36 4.62 -10.21 13.96
C CYS A 36 3.30 -10.95 14.07
N SER A 37 2.96 -11.37 15.29
N SER A 37 2.95 -11.38 15.29
CA SER A 37 1.76 -12.16 15.53
CA SER A 37 1.74 -12.18 15.48
C SER A 37 0.50 -11.44 15.05
C SER A 37 0.47 -11.46 15.07
N ASP A 38 0.38 -10.16 15.35
CA ASP A 38 -0.80 -9.41 14.96
C ASP A 38 -0.94 -9.32 13.44
N MET A 39 0.19 -9.11 12.75
CA MET A 39 0.14 -9.06 11.31
C MET A 39 -0.32 -10.39 10.71
N LEU A 40 0.21 -11.49 11.23
CA LEU A 40 -0.19 -12.79 10.73
C LEU A 40 -1.67 -13.04 10.99
N SER A 41 -2.13 -12.67 12.18
CA SER A 41 -3.52 -12.90 12.54
C SER A 41 -4.45 -12.12 11.62
N LEU A 42 -4.13 -10.85 11.39
CA LEU A 42 -4.98 -10.04 10.56
C LEU A 42 -4.91 -10.48 9.10
N TYR A 43 -3.74 -10.91 8.66
CA TYR A 43 -3.59 -11.48 7.33
C TYR A 43 -4.54 -12.66 7.11
N GLN A 44 -4.58 -13.56 8.08
CA GLN A 44 -5.46 -14.74 7.98
C GLN A 44 -6.92 -14.30 7.89
N GLU A 45 -7.28 -13.26 8.64
CA GLU A 45 -8.64 -12.75 8.63
C GLU A 45 -8.98 -12.21 7.24
N PHE A 46 -8.06 -11.49 6.63
CA PHE A 46 -8.30 -10.98 5.28
C PHE A 46 -8.27 -12.07 4.21
N LEU A 47 -7.44 -13.09 4.40
CA LEU A 47 -7.45 -14.23 3.49
C LEU A 47 -8.85 -14.82 3.44
N GLU A 48 -9.47 -14.95 4.62
CA GLU A 48 -10.82 -15.49 4.71
C GLU A 48 -11.80 -14.60 3.97
N LYS A 49 -11.58 -13.29 4.05
CA LYS A 49 -12.43 -12.33 3.35
C LYS A 49 -12.33 -12.48 1.85
N THR A 50 -11.19 -12.97 1.36
CA THR A 50 -11.04 -13.20 -0.08
C THR A 50 -11.84 -14.41 -0.52
N LYS A 51 -12.22 -15.25 0.45
CA LYS A 51 -13.00 -16.45 0.17
C LYS A 51 -14.49 -16.15 0.08
N SER A 52 -14.99 -15.28 0.96
CA SER A 52 -16.44 -15.13 1.09
C SER A 52 -16.96 -13.69 1.08
N SER A 53 -16.09 -12.73 0.78
CA SER A 53 -16.48 -11.32 0.86
C SER A 53 -16.03 -10.45 -0.31
N GLY A 54 -15.47 -11.09 -1.35
CA GLY A 54 -15.14 -10.37 -2.57
C GLY A 54 -13.81 -9.64 -2.55
N TRP A 55 -13.12 -9.70 -1.41
CA TRP A 55 -11.80 -9.09 -1.32
C TRP A 55 -10.81 -9.87 -2.16
N ILE A 56 -9.75 -9.20 -2.61
CA ILE A 56 -8.65 -9.87 -3.29
C ILE A 56 -7.32 -9.46 -2.69
N LYS A 57 -6.40 -10.40 -2.61
CA LYS A 57 -5.03 -10.09 -2.17
C LYS A 57 -4.21 -9.66 -3.37
N LEU A 58 -3.58 -8.50 -3.26
CA LEU A 58 -2.72 -8.08 -4.36
C LEU A 58 -1.37 -8.75 -4.23
N PRO A 59 -0.80 -9.16 -5.36
CA PRO A 59 0.59 -9.63 -5.34
C PRO A 59 1.50 -8.43 -5.21
N SER A 60 2.72 -8.64 -4.73
CA SER A 60 3.70 -7.57 -4.70
C SER A 60 5.00 -8.09 -5.29
N PHE A 61 5.29 -7.68 -6.52
CA PHE A 61 6.49 -8.14 -7.20
C PHE A 61 7.67 -7.21 -6.96
N LYS A 62 8.85 -7.65 -7.36
CA LYS A 62 10.07 -6.89 -7.09
C LYS A 62 10.09 -5.53 -7.77
N SER A 63 9.31 -5.37 -8.83
CA SER A 63 9.16 -4.05 -9.45
C SER A 63 7.86 -3.95 -10.24
N ASN A 64 7.49 -2.73 -10.65
CA ASN A 64 6.30 -2.51 -11.46
C ASN A 64 6.48 -2.93 -12.92
N ARG A 65 7.72 -3.15 -13.33
CA ARG A 65 8.01 -3.44 -14.74
C ARG A 65 7.23 -4.65 -15.22
N ASP A 66 6.62 -4.52 -16.40
CA ASP A 66 5.82 -5.58 -16.99
C ASP A 66 4.61 -5.93 -16.11
N HIS A 67 4.26 -5.03 -15.21
CA HIS A 67 3.12 -5.27 -14.31
C HIS A 67 2.11 -4.13 -14.35
N ILE A 68 2.16 -3.34 -15.42
CA ILE A 68 1.15 -2.35 -15.72
C ILE A 68 0.94 -2.33 -17.23
N ARG A 69 0.07 -3.23 -17.70
CA ARG A 69 -0.11 -3.48 -19.14
C ARG A 69 -0.45 -2.24 -19.96
N GLY A 70 0.41 -1.93 -20.92
CA GLY A 70 0.15 -0.88 -21.90
C GLY A 70 0.58 0.51 -21.46
N LEU A 71 1.40 0.58 -20.41
CA LEU A 71 1.82 1.86 -19.85
C LEU A 71 2.82 2.59 -20.74
N LYS A 72 2.50 3.84 -21.07
CA LYS A 72 3.41 4.68 -21.85
C LYS A 72 3.87 5.88 -21.03
N LEU A 73 5.19 5.98 -20.86
CA LEU A 73 5.78 7.02 -20.03
C LEU A 73 6.54 8.05 -20.87
N PRO A 74 6.77 9.24 -20.30
CA PRO A 74 7.48 10.31 -21.02
C PRO A 74 8.90 9.91 -21.38
N ASP A 85 18.16 -5.41 -11.48
CA ASP A 85 18.76 -4.09 -11.64
C ASP A 85 17.93 -3.00 -10.97
N CYS A 86 16.62 -3.04 -11.20
N CYS A 86 16.62 -3.03 -11.19
CA CYS A 86 15.71 -2.06 -10.62
CA CYS A 86 15.73 -2.03 -10.62
C CYS A 86 14.73 -2.72 -9.68
C CYS A 86 14.65 -2.66 -9.76
N ARG A 87 14.25 -1.96 -8.71
CA ARG A 87 13.24 -2.44 -7.79
C ARG A 87 12.21 -1.35 -7.52
N ILE A 88 10.96 -1.75 -7.29
CA ILE A 88 9.97 -0.81 -6.80
C ILE A 88 10.40 -0.40 -5.39
N PHE A 89 10.23 0.89 -5.09
CA PHE A 89 10.77 1.47 -3.86
C PHE A 89 10.38 0.70 -2.59
N THR A 90 9.13 0.30 -2.48
CA THR A 90 8.69 -0.36 -1.26
C THR A 90 9.22 -1.80 -1.16
N ARG A 91 9.86 -2.29 -2.23
CA ARG A 91 10.59 -3.55 -2.16
C ARG A 91 12.09 -3.33 -2.37
N CYS A 92 12.59 -2.16 -1.98
CA CYS A 92 14.02 -1.86 -2.18
C CYS A 92 14.89 -2.75 -1.32
N ILE A 93 14.33 -3.21 -0.20
CA ILE A 93 15.02 -4.13 0.70
C ILE A 93 14.37 -5.50 0.54
N GLN A 94 15.17 -6.50 0.21
CA GLN A 94 14.61 -7.84 0.01
C GLN A 94 14.88 -8.78 1.17
N VAL A 95 15.77 -8.36 2.08
CA VAL A 95 16.07 -9.14 3.28
C VAL A 95 14.89 -9.07 4.23
N GLU A 96 14.31 -10.24 4.52
CA GLU A 96 13.06 -10.27 5.25
C GLU A 96 13.17 -9.55 6.58
N GLY A 97 12.13 -8.78 6.90
CA GLY A 97 12.00 -8.16 8.19
C GLY A 97 12.68 -6.82 8.33
N GLN A 98 13.65 -6.52 7.47
CA GLN A 98 14.43 -5.30 7.66
C GLN A 98 13.84 -4.07 6.98
N GLY A 99 13.08 -4.28 5.91
CA GLY A 99 12.53 -3.18 5.14
C GLY A 99 11.04 -3.08 5.30
N PHE A 100 10.33 -2.86 4.18
CA PHE A 100 8.87 -2.82 4.19
C PHE A 100 8.36 -4.25 4.15
N GLU A 101 7.66 -4.67 5.20
CA GLU A 101 6.89 -5.91 5.12
C GLU A 101 5.44 -5.49 4.97
N TYR A 102 4.77 -5.96 3.94
CA TYR A 102 3.39 -5.52 3.73
C TYR A 102 2.65 -6.40 2.77
N VAL A 103 1.33 -6.30 2.85
CA VAL A 103 0.41 -6.92 1.91
C VAL A 103 -0.81 -6.02 1.80
N ILE A 104 -1.32 -5.87 0.58
CA ILE A 104 -2.50 -5.05 0.35
C ILE A 104 -3.67 -5.93 -0.08
N PHE A 105 -4.83 -5.73 0.56
CA PHE A 105 -6.07 -6.38 0.12
C PHE A 105 -6.98 -5.31 -0.48
N PHE A 106 -7.67 -5.66 -1.56
CA PHE A 106 -8.52 -4.71 -2.28
C PHE A 106 -9.95 -5.25 -2.38
N GLN A 107 -10.93 -4.38 -2.21
CA GLN A 107 -12.34 -4.74 -2.37
C GLN A 107 -12.88 -4.00 -3.58
N PRO A 108 -13.02 -4.69 -4.71
CA PRO A 108 -13.38 -4.05 -5.98
C PRO A 108 -14.75 -3.37 -5.97
N THR A 109 -15.73 -3.98 -5.31
CA THR A 109 -17.07 -3.41 -5.31
C THR A 109 -17.12 -2.10 -4.50
N GLN A 110 -16.40 -2.08 -3.39
CA GLN A 110 -16.46 -0.94 -2.49
C GLN A 110 -15.39 0.10 -2.79
N LYS A 111 -14.44 -0.24 -3.68
CA LYS A 111 -13.28 0.60 -3.97
C LYS A 111 -12.58 1.03 -2.68
N LYS A 112 -12.23 0.03 -1.88
CA LYS A 112 -11.49 0.23 -0.63
C LYS A 112 -10.33 -0.75 -0.60
N SER A 113 -9.31 -0.44 0.18
CA SER A 113 -8.24 -1.38 0.39
C SER A 113 -7.76 -1.32 1.84
N VAL A 114 -7.05 -2.36 2.25
CA VAL A 114 -6.40 -2.37 3.54
C VAL A 114 -4.97 -2.83 3.33
N CYS A 115 -4.01 -2.03 3.81
CA CYS A 115 -2.63 -2.44 3.77
C CYS A 115 -2.19 -2.83 5.18
N LEU A 116 -1.62 -4.02 5.30
CA LEU A 116 -1.00 -4.44 6.55
C LEU A 116 0.49 -4.16 6.37
N PHE A 117 1.04 -3.28 7.22
CA PHE A 117 2.38 -2.74 7.05
C PHE A 117 3.17 -2.92 8.35
N GLN A 118 4.35 -3.53 8.25
CA GLN A 118 5.23 -3.68 9.40
C GLN A 118 6.59 -3.14 9.02
N PRO A 119 6.93 -1.94 9.50
CA PRO A 119 8.22 -1.35 9.11
C PRO A 119 9.37 -1.97 9.90
N GLY A 120 10.42 -2.36 9.20
CA GLY A 120 11.58 -2.99 9.83
C GLY A 120 12.67 -2.01 10.25
N SER A 121 13.75 -2.55 10.79
CA SER A 121 14.75 -1.72 11.43
C SER A 121 15.61 -0.89 10.47
N TYR A 122 15.51 -1.14 9.17
CA TYR A 122 16.19 -0.26 8.19
C TYR A 122 15.33 0.94 7.81
N LEU A 123 14.13 1.02 8.38
CA LEU A 123 13.23 2.14 8.08
C LEU A 123 13.14 3.13 9.22
N GLU A 124 14.18 3.24 10.03
CA GLU A 124 14.05 4.00 11.26
C GLU A 124 14.14 5.51 11.07
N GLY A 125 13.51 6.23 11.98
CA GLY A 125 13.66 7.67 12.09
C GLY A 125 14.38 7.91 13.39
N PRO A 126 13.64 8.33 14.43
CA PRO A 126 14.31 8.35 15.72
C PRO A 126 14.50 6.90 16.15
N PRO A 127 15.51 6.64 16.98
CA PRO A 127 15.82 5.26 17.39
C PRO A 127 14.61 4.49 17.89
N GLY A 128 14.34 3.33 17.28
CA GLY A 128 13.27 2.45 17.73
C GLY A 128 11.92 2.68 17.06
N PHE A 129 11.84 3.69 16.21
CA PHE A 129 10.58 4.04 15.56
C PHE A 129 10.76 4.20 14.06
N ALA A 130 9.69 3.99 13.31
CA ALA A 130 9.72 4.15 11.86
C ALA A 130 9.83 5.62 11.47
N HIS A 131 10.57 5.87 10.41
CA HIS A 131 10.67 7.21 9.83
C HIS A 131 9.31 7.62 9.27
N GLY A 132 8.93 8.88 9.49
CA GLY A 132 7.69 9.39 8.93
C GLY A 132 7.64 9.22 7.41
N GLY A 133 8.80 9.31 6.78
CA GLY A 133 8.88 9.13 5.34
C GLY A 133 8.58 7.71 4.89
N SER A 134 8.79 6.73 5.77
CA SER A 134 8.46 5.35 5.42
C SER A 134 6.94 5.15 5.41
N LEU A 135 6.26 5.78 6.35
CA LEU A 135 4.80 5.73 6.36
C LEU A 135 4.25 6.49 5.13
N ALA A 136 4.84 7.64 4.83
CA ALA A 136 4.43 8.39 3.64
C ALA A 136 4.58 7.53 2.39
N ALA A 137 5.72 6.83 2.29
CA ALA A 137 5.97 5.96 1.13
C ALA A 137 4.95 4.83 1.05
N MET A 138 4.68 4.18 2.19
CA MET A 138 3.74 3.07 2.19
C MET A 138 2.35 3.58 1.82
N MET A 139 1.98 4.75 2.31
CA MET A 139 0.70 5.34 1.93
C MET A 139 0.63 5.62 0.44
N ASP A 140 1.68 6.24 -0.10
CA ASP A 140 1.66 6.55 -1.51
C ASP A 140 1.53 5.29 -2.35
N GLU A 141 2.26 4.23 -1.97
CA GLU A 141 2.18 2.96 -2.70
C GLU A 141 0.79 2.34 -2.60
N THR A 142 0.20 2.33 -1.41
CA THR A 142 -1.13 1.76 -1.25
C THR A 142 -2.16 2.58 -2.04
N PHE A 143 -2.07 3.91 -1.94
CA PHE A 143 -2.93 4.79 -2.74
C PHE A 143 -2.78 4.48 -4.23
N SER A 144 -1.53 4.32 -4.67
CA SER A 144 -1.24 4.07 -6.08
C SER A 144 -1.90 2.78 -6.58
N LYS A 145 -1.69 1.69 -5.87
CA LYS A 145 -2.27 0.41 -6.28
C LYS A 145 -3.80 0.49 -6.25
N THR A 146 -4.33 1.13 -5.22
CA THR A 146 -5.79 1.24 -5.07
C THR A 146 -6.39 2.10 -6.18
N ALA A 147 -5.75 3.24 -6.47
CA ALA A 147 -6.19 4.12 -7.53
C ALA A 147 -6.16 3.42 -8.89
N PHE A 148 -5.12 2.65 -9.12
CA PHE A 148 -4.99 1.97 -10.41
C PHE A 148 -6.10 0.95 -10.60
N LEU A 149 -6.35 0.14 -9.57
CA LEU A 149 -7.40 -0.89 -9.68
C LEU A 149 -8.80 -0.29 -9.69
N ALA A 150 -9.01 0.79 -8.95
CA ALA A 150 -10.35 1.38 -8.85
C ALA A 150 -10.74 2.23 -10.05
N GLY A 151 -9.76 2.86 -10.69
CA GLY A 151 -10.04 3.80 -11.76
C GLY A 151 -8.87 4.15 -12.67
N GLU A 152 -7.86 3.28 -12.71
CA GLU A 152 -6.70 3.52 -13.56
C GLU A 152 -5.98 4.83 -13.25
N GLY A 153 -5.97 5.21 -11.98
CA GLY A 153 -5.15 6.32 -11.53
C GLY A 153 -3.73 5.82 -11.38
N LEU A 154 -2.75 6.72 -11.46
CA LEU A 154 -1.37 6.32 -11.25
C LEU A 154 -0.50 7.47 -10.75
N PHE A 155 -0.46 8.57 -11.50
CA PHE A 155 0.33 9.73 -11.09
C PHE A 155 -0.20 10.32 -9.79
N THR A 156 0.64 10.43 -8.77
CA THR A 156 0.24 11.08 -7.54
C THR A 156 0.23 12.59 -7.75
N LEU A 157 -0.95 13.20 -7.70
CA LEU A 157 -1.04 14.66 -7.82
C LEU A 157 -0.75 15.33 -6.48
N SER A 158 -1.30 14.78 -5.42
CA SER A 158 -1.09 15.36 -4.11
C SER A 158 -1.16 14.31 -3.01
N LEU A 159 -0.41 14.55 -1.95
CA LEU A 159 -0.40 13.67 -0.80
C LEU A 159 -0.34 14.58 0.42
N ASN A 160 -1.33 14.47 1.30
CA ASN A 160 -1.40 15.31 2.49
C ASN A 160 -1.52 14.42 3.71
N ILE A 161 -0.55 14.50 4.60
CA ILE A 161 -0.48 13.59 5.73
C ILE A 161 -0.44 14.33 7.04
N ARG A 162 -1.28 13.91 7.99
CA ARG A 162 -1.26 14.46 9.33
C ARG A 162 -0.85 13.33 10.28
N PHE A 163 0.32 13.47 10.90
CA PHE A 163 0.86 12.43 11.75
C PHE A 163 0.40 12.62 13.20
N LYS A 164 0.12 11.52 13.88
CA LYS A 164 -0.44 11.58 15.24
C LYS A 164 0.45 10.89 16.29
N ASN A 165 1.14 9.85 15.89
CA ASN A 165 1.96 9.06 16.81
C ASN A 165 3.08 8.34 16.07
N LEU A 166 4.20 8.14 16.76
CA LEU A 166 5.31 7.37 16.19
C LEU A 166 4.97 5.88 16.12
N ILE A 167 5.43 5.22 15.07
CA ILE A 167 5.24 3.78 14.92
C ILE A 167 6.45 3.03 15.46
N PRO A 168 6.26 2.17 16.45
CA PRO A 168 7.40 1.36 16.92
C PRO A 168 7.87 0.42 15.81
N VAL A 169 9.18 0.32 15.63
CA VAL A 169 9.70 -0.60 14.63
C VAL A 169 9.19 -2.02 14.90
N ASP A 170 8.93 -2.76 13.82
CA ASP A 170 8.53 -4.17 13.89
C ASP A 170 7.10 -4.39 14.38
N SER A 171 6.31 -3.33 14.46
CA SER A 171 4.91 -3.46 14.85
C SER A 171 3.99 -3.31 13.65
N LEU A 172 2.73 -3.73 13.83
CA LEU A 172 1.75 -3.71 12.75
C LEU A 172 1.01 -2.38 12.65
N VAL A 173 1.01 -1.84 11.43
CA VAL A 173 0.22 -0.67 11.10
C VAL A 173 -0.87 -1.12 10.14
N VAL A 174 -2.11 -0.89 10.51
CA VAL A 174 -3.25 -1.19 9.65
C VAL A 174 -3.66 0.08 8.94
N MET A 175 -3.65 0.04 7.61
N MET A 175 -3.62 0.06 7.61
CA MET A 175 -3.92 1.23 6.80
CA MET A 175 -3.96 1.25 6.84
C MET A 175 -5.19 1.05 5.98
C MET A 175 -5.21 1.02 6.02
N ASP A 176 -6.27 1.74 6.37
CA ASP A 176 -7.54 1.64 5.69
C ASP A 176 -7.61 2.75 4.65
N VAL A 177 -7.79 2.37 3.39
CA VAL A 177 -7.83 3.33 2.31
C VAL A 177 -9.16 3.23 1.57
N GLU A 178 -9.74 4.36 1.23
CA GLU A 178 -10.98 4.35 0.45
C GLU A 178 -10.94 5.36 -0.67
N VAL A 179 -11.58 5.02 -1.78
CA VAL A 179 -11.81 6.00 -2.84
C VAL A 179 -13.06 6.78 -2.46
N ASP A 180 -12.89 8.08 -2.25
CA ASP A 180 -14.00 8.93 -1.83
C ASP A 180 -14.80 9.41 -3.02
N LYS A 181 -14.10 9.72 -4.11
CA LYS A 181 -14.78 10.12 -5.32
C LYS A 181 -13.87 10.07 -6.53
N ILE A 182 -14.49 9.98 -7.70
CA ILE A 182 -13.76 10.06 -8.96
C ILE A 182 -14.42 11.16 -9.78
N GLU A 183 -13.64 12.18 -10.08
CA GLU A 183 -14.18 13.38 -10.71
C GLU A 183 -13.09 14.12 -11.48
N ASP A 184 -13.44 14.66 -12.63
CA ASP A 184 -12.49 15.44 -13.44
C ASP A 184 -11.21 14.66 -13.71
N GLN A 185 -11.33 13.36 -13.96
CA GLN A 185 -10.20 12.52 -14.31
C GLN A 185 -9.21 12.38 -13.16
N LYS A 186 -9.71 12.55 -11.94
CA LYS A 186 -8.89 12.38 -10.74
C LYS A 186 -9.60 11.48 -9.75
N LEU A 187 -8.82 10.68 -9.03
CA LEU A 187 -9.37 9.86 -7.95
C LEU A 187 -8.93 10.43 -6.62
N TYR A 188 -9.89 10.64 -5.73
CA TYR A 188 -9.64 11.19 -4.41
C TYR A 188 -9.76 10.09 -3.38
N MET A 189 -8.72 9.93 -2.58
CA MET A 189 -8.69 8.86 -1.59
C MET A 189 -8.31 9.38 -0.22
N SER A 190 -8.73 8.66 0.80
CA SER A 190 -8.35 8.97 2.17
C SER A 190 -7.82 7.72 2.84
N CYS A 191 -7.01 7.92 3.87
CA CYS A 191 -6.38 6.82 4.57
C CYS A 191 -6.33 7.11 6.06
N ILE A 192 -6.55 6.08 6.86
CA ILE A 192 -6.22 6.16 8.28
C ILE A 192 -5.30 5.00 8.62
N ALA A 193 -4.18 5.30 9.29
CA ALA A 193 -3.22 4.29 9.68
C ALA A 193 -3.27 4.15 11.19
N HIS A 194 -3.48 2.94 11.69
CA HIS A 194 -3.72 2.75 13.11
C HIS A 194 -3.25 1.39 13.58
N SER A 195 -3.16 1.20 14.90
CA SER A 195 -2.86 -0.12 15.45
C SER A 195 -4.07 -1.05 15.25
N ARG A 196 -3.84 -2.35 15.33
CA ARG A 196 -4.93 -3.29 15.14
C ARG A 196 -6.08 -3.04 16.11
N ASP A 197 -5.76 -2.76 17.37
CA ASP A 197 -6.82 -2.57 18.36
C ASP A 197 -7.40 -1.15 18.30
N GLN A 198 -6.85 -0.34 17.41
CA GLN A 198 -7.34 1.02 17.16
C GLN A 198 -7.18 1.98 18.32
N GLN A 199 -6.40 1.58 19.33
CA GLN A 199 -6.14 2.46 20.46
C GLN A 199 -5.02 3.46 20.16
N THR A 200 -4.34 3.25 19.04
CA THR A 200 -3.33 4.20 18.56
C THR A 200 -3.56 4.52 17.10
N VAL A 201 -3.76 5.79 16.80
CA VAL A 201 -3.80 6.24 15.41
C VAL A 201 -2.44 6.82 15.10
N TYR A 202 -1.85 6.36 14.00
CA TYR A 202 -0.52 6.83 13.63
C TYR A 202 -0.57 8.04 12.72
N ALA A 203 -1.52 8.04 11.78
CA ALA A 203 -1.63 9.16 10.84
C ALA A 203 -2.94 9.06 10.07
N LYS A 204 -3.37 10.20 9.54
CA LYS A 204 -4.46 10.26 8.59
C LYS A 204 -3.95 10.97 7.36
N SER A 205 -4.42 10.57 6.19
CA SER A 205 -3.92 11.22 4.98
C SER A 205 -4.96 11.25 3.88
N SER A 206 -4.73 12.11 2.92
CA SER A 206 -5.53 12.14 1.71
C SER A 206 -4.59 12.16 0.51
N GLY A 207 -5.05 11.60 -0.60
CA GLY A 207 -4.26 11.57 -1.80
C GLY A 207 -5.16 11.84 -2.99
N VAL A 208 -4.60 12.48 -4.02
CA VAL A 208 -5.32 12.68 -5.26
C VAL A 208 -4.45 12.16 -6.37
N PHE A 209 -5.04 11.33 -7.23
CA PHE A 209 -4.31 10.66 -8.30
C PHE A 209 -4.93 10.97 -9.64
N LEU A 210 -4.08 11.17 -10.64
CA LEU A 210 -4.56 11.41 -12.00
C LEU A 210 -4.93 10.12 -12.70
N GLN A 211 -6.06 10.10 -13.39
CA GLN A 211 -6.41 8.95 -14.22
C GLN A 211 -5.53 8.92 -15.45
N LEU A 212 -4.98 7.75 -15.75
CA LEU A 212 -4.18 7.56 -16.95
C LEU A 212 -5.01 7.87 -18.17
N GLN A 213 -4.36 8.42 -19.19
CA GLN A 213 -5.02 8.67 -20.46
C GLN A 213 -5.01 7.40 -21.29
N LEU A 214 -6.14 7.11 -21.93
CA LEU A 214 -6.21 6.04 -22.90
C LEU A 214 -5.86 6.62 -24.25
N GLU A 215 -4.91 6.03 -24.94
CA GLU A 215 -4.53 6.55 -26.24
C GLU A 215 -4.67 5.50 -27.33
N GLU A 216 -5.40 5.86 -28.38
CA GLU A 216 -5.61 4.95 -29.51
C GLU A 216 -4.58 5.22 -30.59
N GLU A 217 -3.57 4.36 -30.66
CA GLU A 217 -2.52 4.51 -31.65
C GLU A 217 -2.74 3.57 -32.83
N SER A 218 -2.17 3.93 -33.98
CA SER A 218 -2.22 3.06 -35.15
C SER A 218 -1.24 1.91 -34.94
N PRO A 219 -1.48 0.78 -35.63
CA PRO A 219 -0.49 -0.31 -35.56
C PRO A 219 0.85 0.16 -36.09
N GLN A 220 1.92 -0.31 -35.47
CA GLN A 220 3.26 0.08 -35.89
C GLN A 220 3.71 -0.75 -37.08
#